data_4IVY
#
_entry.id   4IVY
#
_cell.length_a   54.746
_cell.length_b   81.545
_cell.length_c   58.450
_cell.angle_alpha   90.00
_cell.angle_beta   109.87
_cell.angle_gamma   90.00
#
_symmetry.space_group_name_H-M   'P 1 21 1'
#
loop_
_entity.id
_entity.type
_entity.pdbx_description
1 polymer 'Estrogen receptor'
2 polymer 'Nuclear receptor coactivator 2'
3 non-polymer 4-[1-(but-3-en-1-yl)-7-(trifluoromethyl)-1H-indazol-3-yl]benzene-1,3-diol
4 water water
#
loop_
_entity_poly.entity_id
_entity_poly.type
_entity_poly.pdbx_seq_one_letter_code
_entity_poly.pdbx_strand_id
1 'polypeptide(L)'
;KNSLALSLTADQMVSALLDAEPPILYSEYDPTRPFSEASMMGLLTNLADRELVHMINWAKRVPGFVDLTLHDQVHLLECA
WLEILMIGLVWRSMEHPGKLLFAPNLLLDRNQGKCVEGMVEIFDMLLATSSRFRMMNLQGEEFVCLKSIILLNSGVYTFL
SSTLKSLEEKDHIHRVLDKITDTLIHLMAKAGLTLQQQHQRLAQLLLILSHIRHMSNKGMEHLYSMKCKNVVPLSDLLLE
MLDAHRL
;
A,B
2 'polypeptide(L)' HKILHRLLQD C,D
#
# COMPACT_ATOMS: atom_id res chain seq x y z
N ASN A 2 28.01 -6.38 10.64
CA ASN A 2 26.94 -6.25 11.63
C ASN A 2 26.50 -4.80 11.81
N SER A 3 25.20 -4.58 11.66
CA SER A 3 24.62 -3.25 11.82
C SER A 3 24.38 -2.92 13.29
N LEU A 4 24.52 -1.65 13.64
CA LEU A 4 24.30 -1.20 15.01
C LEU A 4 22.82 -1.18 15.35
N ALA A 5 21.99 -0.99 14.33
CA ALA A 5 20.54 -0.87 14.51
C ALA A 5 19.95 -2.06 15.27
N LEU A 6 20.43 -3.25 14.96
CA LEU A 6 19.94 -4.48 15.59
C LEU A 6 20.28 -4.57 17.07
N SER A 7 21.33 -3.86 17.48
CA SER A 7 21.79 -3.92 18.87
C SER A 7 21.08 -2.89 19.77
N LEU A 8 20.28 -2.03 19.16
CA LEU A 8 19.56 -1.00 19.90
C LEU A 8 18.38 -1.57 20.66
N THR A 9 18.12 -1.02 21.84
CA THR A 9 16.93 -1.39 22.60
C THR A 9 15.74 -0.61 22.08
N ALA A 10 14.54 -1.03 22.45
CA ALA A 10 13.33 -0.35 22.00
C ALA A 10 13.37 1.14 22.33
N ASP A 11 13.75 1.47 23.56
CA ASP A 11 13.84 2.86 23.99
C ASP A 11 14.93 3.62 23.22
N GLN A 12 16.05 2.94 22.98
CA GLN A 12 17.12 3.55 22.20
C GLN A 12 16.64 3.87 20.79
N MET A 13 15.89 2.93 20.21
CA MET A 13 15.34 3.11 18.86
C MET A 13 14.42 4.31 18.82
N VAL A 14 13.47 4.36 19.75
CA VAL A 14 12.53 5.49 19.84
C VAL A 14 13.24 6.82 19.99
N SER A 15 14.23 6.87 20.88
CA SER A 15 15.02 8.09 21.09
C SER A 15 15.77 8.50 19.84
N ALA A 16 16.32 7.51 19.13
CA ALA A 16 17.07 7.77 17.91
C ALA A 16 16.15 8.41 16.86
N LEU A 17 14.94 7.87 16.75
CA LEU A 17 13.97 8.34 15.78
C LEU A 17 13.44 9.72 16.13
N LEU A 18 13.11 9.93 17.40
CA LEU A 18 12.61 11.23 17.85
C LEU A 18 13.65 12.32 17.65
N ASP A 19 14.91 12.00 17.93
CA ASP A 19 15.99 12.96 17.81
C ASP A 19 16.33 13.27 16.36
N ALA A 20 15.96 12.36 15.46
CA ALA A 20 16.24 12.52 14.04
C ALA A 20 15.16 13.33 13.34
N GLU A 21 14.02 13.51 14.00
CA GLU A 21 12.89 14.23 13.43
C GLU A 21 13.30 15.54 12.76
N PRO A 22 12.93 15.71 11.49
CA PRO A 22 13.16 16.97 10.77
C PRO A 22 12.21 18.03 11.28
N PRO A 23 12.59 19.31 11.15
CA PRO A 23 11.75 20.41 11.64
C PRO A 23 10.51 20.60 10.78
N ILE A 24 9.50 21.27 11.33
CA ILE A 24 8.32 21.63 10.57
C ILE A 24 8.56 22.97 9.87
N LEU A 25 8.56 22.95 8.54
CA LEU A 25 8.90 24.13 7.76
C LEU A 25 7.70 25.02 7.49
N TYR A 26 7.97 26.29 7.17
CA TYR A 26 6.91 27.25 6.85
C TYR A 26 6.79 27.47 5.35
N SER A 27 5.59 27.80 4.90
CA SER A 27 5.37 28.21 3.53
C SER A 27 5.64 29.72 3.43
N GLU A 28 5.48 30.28 2.24
CA GLU A 28 5.64 31.73 2.08
C GLU A 28 4.64 32.47 2.95
N TYR A 29 5.09 33.55 3.58
CA TYR A 29 4.18 34.49 4.22
C TYR A 29 3.47 35.29 3.13
N ASP A 30 2.35 35.89 3.50
CA ASP A 30 1.43 36.48 2.54
C ASP A 30 0.12 35.74 2.68
N PRO A 31 -0.86 36.34 3.38
CA PRO A 31 -2.09 35.65 3.74
C PRO A 31 -3.02 35.45 2.56
N THR A 32 -2.53 35.67 1.35
CA THR A 32 -3.34 35.41 0.16
C THR A 32 -3.68 33.93 0.08
N ARG A 33 -4.96 33.61 0.22
CA ARG A 33 -5.43 32.24 0.13
C ARG A 33 -5.26 31.71 -1.30
N PRO A 34 -4.49 30.63 -1.45
CA PRO A 34 -4.34 30.04 -2.78
C PRO A 34 -5.64 29.40 -3.23
N PHE A 35 -6.21 29.89 -4.33
CA PHE A 35 -7.43 29.34 -4.88
C PHE A 35 -7.25 29.00 -6.34
N SER A 36 -6.00 28.81 -6.75
CA SER A 36 -5.70 28.50 -8.15
C SER A 36 -4.65 27.41 -8.29
N GLU A 37 -4.54 26.87 -9.50
CA GLU A 37 -3.58 25.83 -9.80
C GLU A 37 -2.14 26.29 -9.60
N ALA A 38 -1.78 27.38 -10.26
CA ALA A 38 -0.42 27.93 -10.21
C ALA A 38 0.05 28.23 -8.78
N SER A 39 -0.75 28.99 -8.05
CA SER A 39 -0.37 29.45 -6.71
C SER A 39 -0.24 28.29 -5.72
N MET A 40 -1.27 27.47 -5.61
CA MET A 40 -1.28 26.37 -4.66
C MET A 40 -0.12 25.40 -4.90
N MET A 41 -0.04 24.87 -6.12
CA MET A 41 0.99 23.91 -6.48
C MET A 41 2.38 24.52 -6.37
N GLY A 42 2.48 25.82 -6.62
CA GLY A 42 3.74 26.53 -6.46
C GLY A 42 4.23 26.46 -5.02
N LEU A 43 3.31 26.64 -4.08
CA LEU A 43 3.63 26.61 -2.66
C LEU A 43 3.96 25.19 -2.20
N LEU A 44 3.25 24.21 -2.76
CA LEU A 44 3.44 22.81 -2.37
C LEU A 44 4.77 22.25 -2.85
N THR A 45 5.14 22.58 -4.09
CA THR A 45 6.39 22.11 -4.64
C THR A 45 7.58 22.77 -3.95
N ASN A 46 7.46 24.08 -3.72
CA ASN A 46 8.49 24.82 -3.00
C ASN A 46 8.73 24.20 -1.62
N LEU A 47 7.63 23.97 -0.90
CA LEU A 47 7.70 23.34 0.41
C LEU A 47 8.36 21.97 0.33
N ALA A 48 7.87 21.14 -0.59
CA ALA A 48 8.41 19.81 -0.79
C ALA A 48 9.90 19.85 -1.09
N ASP A 49 10.31 20.82 -1.90
CA ASP A 49 11.71 21.01 -2.25
CA ASP A 49 11.71 20.99 -2.25
C ASP A 49 12.58 21.17 -1.01
N ARG A 50 12.19 22.10 -0.14
CA ARG A 50 12.96 22.36 1.07
C ARG A 50 12.91 21.21 2.07
N GLU A 51 11.75 20.55 2.15
CA GLU A 51 11.59 19.41 3.04
C GLU A 51 12.47 18.23 2.61
N LEU A 52 12.67 18.09 1.32
CA LEU A 52 13.48 16.99 0.78
C LEU A 52 14.89 17.01 1.33
N VAL A 53 15.47 18.20 1.46
CA VAL A 53 16.82 18.35 2.00
C VAL A 53 16.88 17.84 3.43
N HIS A 54 15.87 18.21 4.23
CA HIS A 54 15.78 17.75 5.62
C HIS A 54 15.50 16.25 5.69
N MET A 55 14.71 15.75 4.75
CA MET A 55 14.37 14.33 4.73
C MET A 55 15.60 13.48 4.50
N ILE A 56 16.50 13.95 3.63
CA ILE A 56 17.71 13.22 3.31
C ILE A 56 18.63 13.07 4.52
N ASN A 57 18.70 14.12 5.33
CA ASN A 57 19.51 14.08 6.55
C ASN A 57 18.85 13.25 7.64
N TRP A 58 17.52 13.25 7.63
CA TRP A 58 16.75 12.42 8.56
C TRP A 58 16.94 10.95 8.26
N ALA A 59 16.83 10.57 6.99
CA ALA A 59 16.97 9.19 6.58
C ALA A 59 18.31 8.61 7.01
N LYS A 60 19.38 9.40 6.88
CA LYS A 60 20.70 8.95 7.25
C LYS A 60 20.82 8.68 8.74
N ARG A 61 19.90 9.24 9.52
CA ARG A 61 19.89 9.05 10.97
C ARG A 61 18.96 7.92 11.41
N VAL A 62 18.19 7.39 10.47
CA VAL A 62 17.35 6.24 10.74
C VAL A 62 18.24 5.00 10.83
N PRO A 63 18.24 4.35 12.01
CA PRO A 63 19.10 3.18 12.25
C PRO A 63 18.98 2.15 11.13
N GLY A 64 20.12 1.73 10.58
CA GLY A 64 20.14 0.72 9.54
C GLY A 64 20.25 1.29 8.14
N PHE A 65 19.79 2.53 7.96
CA PHE A 65 19.83 3.17 6.65
C PHE A 65 21.26 3.43 6.20
N VAL A 66 22.11 3.83 7.14
CA VAL A 66 23.51 4.11 6.86
C VAL A 66 24.25 2.85 6.38
N ASP A 67 23.79 1.70 6.83
CA ASP A 67 24.44 0.43 6.53
C ASP A 67 24.26 0.02 5.07
N LEU A 68 23.34 0.69 4.38
CA LEU A 68 23.07 0.40 2.99
C LEU A 68 24.07 1.08 2.07
N THR A 69 24.22 0.56 0.85
CA THR A 69 25.05 1.20 -0.15
C THR A 69 24.38 2.50 -0.61
N LEU A 70 25.17 3.41 -1.15
CA LEU A 70 24.64 4.68 -1.61
C LEU A 70 23.49 4.48 -2.60
N HIS A 71 23.66 3.54 -3.50
CA HIS A 71 22.65 3.27 -4.52
C HIS A 71 21.35 2.75 -3.92
N ASP A 72 21.46 1.96 -2.86
CA ASP A 72 20.27 1.47 -2.16
C ASP A 72 19.56 2.59 -1.42
N GLN A 73 20.33 3.49 -0.84
CA GLN A 73 19.77 4.65 -0.15
C GLN A 73 19.04 5.55 -1.13
N VAL A 74 19.63 5.72 -2.31
CA VAL A 74 19.02 6.50 -3.38
C VAL A 74 17.68 5.89 -3.79
N HIS A 75 17.65 4.58 -3.95
CA HIS A 75 16.45 3.88 -4.37
C HIS A 75 15.31 4.02 -3.36
N LEU A 76 15.60 3.77 -2.09
CA LEU A 76 14.58 3.85 -1.05
C LEU A 76 13.94 5.24 -0.99
N LEU A 77 14.77 6.27 -1.04
CA LEU A 77 14.29 7.64 -0.99
C LEU A 77 13.48 8.02 -2.23
N GLU A 78 13.90 7.52 -3.39
CA GLU A 78 13.18 7.78 -4.62
C GLU A 78 11.79 7.14 -4.60
N CYS A 79 11.68 6.00 -3.94
CA CYS A 79 10.41 5.30 -3.86
C CYS A 79 9.48 5.87 -2.79
N ALA A 80 10.06 6.33 -1.68
CA ALA A 80 9.28 6.64 -0.50
C ALA A 80 9.08 8.12 -0.19
N TRP A 81 9.75 9.00 -0.92
CA TRP A 81 9.77 10.42 -0.54
C TRP A 81 8.37 11.04 -0.41
N LEU A 82 7.49 10.78 -1.36
CA LEU A 82 6.16 11.36 -1.32
C LEU A 82 5.31 10.75 -0.20
N GLU A 83 5.44 9.43 0.00
CA GLU A 83 4.77 8.77 1.10
C GLU A 83 5.19 9.39 2.42
N ILE A 84 6.48 9.70 2.53
CA ILE A 84 7.04 10.27 3.75
C ILE A 84 6.55 11.69 4.00
N LEU A 85 6.47 12.49 2.93
CA LEU A 85 5.94 13.83 3.06
C LEU A 85 4.45 13.77 3.44
N MET A 86 3.74 12.82 2.84
CA MET A 86 2.30 12.69 3.07
C MET A 86 1.97 12.26 4.50
N ILE A 87 2.68 11.26 5.02
CA ILE A 87 2.42 10.80 6.38
C ILE A 87 2.73 11.89 7.38
N GLY A 88 3.72 12.73 7.06
CA GLY A 88 4.03 13.88 7.88
C GLY A 88 2.89 14.88 7.84
N LEU A 89 2.36 15.10 6.65
CA LEU A 89 1.23 16.02 6.47
C LEU A 89 0.04 15.61 7.31
N VAL A 90 -0.38 14.35 7.18
CA VAL A 90 -1.56 13.87 7.90
C VAL A 90 -1.32 13.85 9.40
N TRP A 91 -0.06 13.71 9.79
CA TRP A 91 0.32 13.77 11.20
C TRP A 91 0.10 15.19 11.75
N ARG A 92 0.56 16.19 11.01
CA ARG A 92 0.41 17.58 11.41
C ARG A 92 -1.05 18.01 11.35
N SER A 93 -1.84 17.33 10.53
CA SER A 93 -3.22 17.74 10.27
C SER A 93 -4.23 17.09 11.21
N MET A 94 -3.75 16.19 12.06
CA MET A 94 -4.64 15.46 12.96
C MET A 94 -5.56 16.36 13.77
N GLU A 95 -5.00 17.40 14.35
CA GLU A 95 -5.75 18.30 15.22
CA GLU A 95 -5.77 18.28 15.22
C GLU A 95 -6.50 19.38 14.44
N HIS A 96 -6.52 19.24 13.12
CA HIS A 96 -7.22 20.18 12.27
C HIS A 96 -8.22 19.44 11.37
N PRO A 97 -9.22 18.80 11.98
CA PRO A 97 -10.19 17.98 11.25
C PRO A 97 -10.82 18.74 10.08
N GLY A 98 -10.84 18.11 8.91
CA GLY A 98 -11.43 18.71 7.73
C GLY A 98 -10.46 19.60 6.96
N LYS A 99 -9.26 19.74 7.50
CA LYS A 99 -8.25 20.61 6.89
C LYS A 99 -6.89 19.92 6.78
N LEU A 100 -6.06 20.41 5.87
CA LEU A 100 -4.71 19.88 5.70
C LEU A 100 -3.67 20.95 6.03
N LEU A 101 -2.84 20.67 7.00
CA LEU A 101 -1.83 21.63 7.46
C LEU A 101 -0.48 21.37 6.81
N PHE A 102 -0.35 21.77 5.55
CA PHE A 102 0.91 21.62 4.84
C PHE A 102 2.03 22.34 5.57
N ALA A 103 1.69 23.49 6.14
CA ALA A 103 2.60 24.26 6.98
C ALA A 103 1.79 25.05 7.98
N PRO A 104 2.40 25.44 9.11
CA PRO A 104 1.70 26.20 10.15
C PRO A 104 1.00 27.43 9.59
N ASN A 105 1.57 28.01 8.53
CA ASN A 105 0.97 29.18 7.90
C ASN A 105 0.34 28.83 6.55
N LEU A 106 0.08 27.54 6.33
CA LEU A 106 -0.55 27.10 5.10
C LEU A 106 -1.57 25.99 5.40
N LEU A 107 -2.77 26.39 5.77
CA LEU A 107 -3.84 25.45 6.10
C LEU A 107 -4.87 25.44 4.98
N LEU A 108 -4.99 24.31 4.30
CA LEU A 108 -5.89 24.20 3.16
C LEU A 108 -7.13 23.36 3.47
N ASP A 109 -8.25 23.76 2.90
CA ASP A 109 -9.45 22.94 2.94
C ASP A 109 -9.77 22.42 1.55
N ARG A 110 -10.71 21.49 1.46
CA ARG A 110 -11.07 20.86 0.20
C ARG A 110 -11.62 21.85 -0.83
N ASN A 111 -12.18 22.96 -0.36
CA ASN A 111 -12.77 23.95 -1.27
C ASN A 111 -11.75 24.61 -2.20
N GLN A 112 -10.47 24.29 -2.00
CA GLN A 112 -9.42 24.83 -2.85
C GLN A 112 -9.09 23.88 -4.02
N VAL A 116 -8.83 22.22 -7.20
CA VAL A 116 -7.81 22.55 -8.22
C VAL A 116 -7.77 21.68 -9.47
N GLU A 117 -8.73 20.76 -9.63
CA GLU A 117 -8.81 19.89 -10.80
C GLU A 117 -8.19 18.54 -10.48
N GLY A 118 -9.03 17.53 -10.30
CA GLY A 118 -8.57 16.17 -10.03
C GLY A 118 -7.83 16.01 -8.71
N MET A 119 -7.57 17.14 -8.06
CA MET A 119 -6.77 17.15 -6.82
C MET A 119 -7.59 16.78 -5.60
N VAL A 120 -8.90 17.06 -5.65
CA VAL A 120 -9.79 16.83 -4.52
C VAL A 120 -9.75 15.36 -4.07
N GLU A 121 -9.62 14.45 -5.03
CA GLU A 121 -9.57 13.03 -4.73
C GLU A 121 -8.45 12.73 -3.73
N ILE A 122 -7.25 13.18 -4.06
CA ILE A 122 -6.11 12.99 -3.17
C ILE A 122 -6.33 13.72 -1.86
N PHE A 123 -6.89 14.92 -1.95
CA PHE A 123 -7.15 15.74 -0.78
C PHE A 123 -8.04 14.99 0.20
N ASP A 124 -9.11 14.40 -0.30
CA ASP A 124 -10.05 13.67 0.54
C ASP A 124 -9.42 12.43 1.17
N MET A 125 -8.53 11.78 0.42
CA MET A 125 -7.83 10.60 0.93
C MET A 125 -6.91 11.00 2.09
N LEU A 126 -6.24 12.13 1.95
CA LEU A 126 -5.36 12.64 3.00
C LEU A 126 -6.16 13.01 4.25
N LEU A 127 -7.30 13.65 4.05
CA LEU A 127 -8.18 14.01 5.16
C LEU A 127 -8.67 12.78 5.91
N ALA A 128 -9.08 11.77 5.15
CA ALA A 128 -9.57 10.52 5.75
C ALA A 128 -8.47 9.82 6.53
N THR A 129 -7.23 9.93 6.04
CA THR A 129 -6.09 9.32 6.71
C THR A 129 -5.80 10.04 8.02
N SER A 130 -5.81 11.37 7.97
CA SER A 130 -5.59 12.18 9.16
C SER A 130 -6.67 11.91 10.20
N SER A 131 -7.92 11.87 9.74
CA SER A 131 -9.05 11.58 10.63
C SER A 131 -8.88 10.23 11.29
N ARG A 132 -8.47 9.24 10.49
CA ARG A 132 -8.22 7.89 10.98
C ARG A 132 -7.14 7.90 12.07
N PHE A 133 -6.06 8.62 11.82
CA PHE A 133 -4.99 8.75 12.81
C PHE A 133 -5.50 9.40 14.09
N ARG A 134 -6.35 10.41 13.94
CA ARG A 134 -6.91 11.13 15.08
C ARG A 134 -7.75 10.21 15.96
N MET A 135 -8.64 9.45 15.33
CA MET A 135 -9.54 8.57 16.06
C MET A 135 -8.80 7.39 16.71
N MET A 136 -7.64 7.05 16.16
CA MET A 136 -6.81 6.01 16.75
C MET A 136 -5.91 6.59 17.84
N ASN A 137 -5.95 7.91 17.97
CA ASN A 137 -5.08 8.60 18.92
CA ASN A 137 -5.08 8.62 18.91
C ASN A 137 -3.62 8.25 18.70
N LEU A 138 -3.18 8.30 17.45
CA LEU A 138 -1.80 8.00 17.10
C LEU A 138 -0.85 8.84 17.93
N GLN A 139 0.19 8.21 18.46
CA GLN A 139 1.18 8.91 19.27
C GLN A 139 2.42 9.25 18.46
N GLY A 140 3.12 10.29 18.87
CA GLY A 140 4.33 10.72 18.19
C GLY A 140 5.34 9.61 18.02
N GLU A 141 5.53 8.81 19.09
CA GLU A 141 6.47 7.71 19.06
C GLU A 141 6.09 6.66 18.03
N GLU A 142 4.79 6.44 17.87
CA GLU A 142 4.29 5.49 16.89
C GLU A 142 4.46 6.05 15.47
N PHE A 143 4.20 7.34 15.31
CA PHE A 143 4.33 8.00 14.03
C PHE A 143 5.74 7.87 13.46
N VAL A 144 6.74 8.12 14.30
CA VAL A 144 8.14 8.04 13.84
C VAL A 144 8.52 6.62 13.43
N CYS A 145 7.98 5.63 14.14
CA CYS A 145 8.21 4.24 13.77
C CYS A 145 7.63 3.95 12.39
N LEU A 146 6.38 4.37 12.17
CA LEU A 146 5.70 4.15 10.90
C LEU A 146 6.43 4.83 9.76
N LYS A 147 6.99 6.01 10.02
CA LYS A 147 7.66 6.78 8.98
C LYS A 147 8.95 6.09 8.53
N SER A 148 9.66 5.48 9.48
CA SER A 148 10.88 4.75 9.18
CA SER A 148 10.89 4.76 9.18
C SER A 148 10.57 3.45 8.44
N ILE A 149 9.45 2.85 8.78
CA ILE A 149 9.00 1.63 8.11
C ILE A 149 8.75 1.90 6.64
N ILE A 150 8.10 3.02 6.35
CA ILE A 150 7.85 3.42 4.97
C ILE A 150 9.16 3.59 4.21
N LEU A 151 10.14 4.25 4.84
CA LEU A 151 11.43 4.47 4.22
C LEU A 151 12.11 3.15 3.83
N LEU A 152 12.12 2.19 4.75
CA LEU A 152 12.83 0.94 4.55
C LEU A 152 12.05 -0.07 3.73
N ASN A 153 10.73 0.00 3.78
CA ASN A 153 9.88 -1.01 3.17
C ASN A 153 9.49 -0.75 1.71
N SER A 154 9.10 0.49 1.43
CA SER A 154 8.50 0.82 0.14
C SER A 154 9.34 0.45 -1.08
N GLY A 155 10.66 0.45 -0.94
CA GLY A 155 11.54 0.13 -2.05
C GLY A 155 12.33 -1.15 -1.85
N VAL A 156 12.00 -1.89 -0.79
CA VAL A 156 12.76 -3.08 -0.41
C VAL A 156 12.81 -4.15 -1.50
N TYR A 157 12.65 -3.74 -2.75
CA TYR A 157 12.72 -4.65 -3.89
C TYR A 157 13.62 -4.08 -5.00
N ASP A 171 18.17 -9.02 3.23
CA ASP A 171 17.94 -9.63 4.53
C ASP A 171 18.15 -8.64 5.67
N HIS A 172 19.07 -7.70 5.46
CA HIS A 172 19.38 -6.68 6.47
C HIS A 172 18.17 -5.81 6.82
N ILE A 173 17.49 -5.29 5.79
CA ILE A 173 16.33 -4.43 5.98
C ILE A 173 15.20 -5.15 6.72
N HIS A 174 14.93 -6.39 6.31
CA HIS A 174 13.90 -7.19 6.97
C HIS A 174 14.21 -7.34 8.46
N ARG A 175 15.48 -7.53 8.77
CA ARG A 175 15.94 -7.59 10.16
C ARG A 175 15.61 -6.28 10.87
N VAL A 176 15.95 -5.16 10.23
CA VAL A 176 15.69 -3.85 10.81
C VAL A 176 14.19 -3.61 10.98
N LEU A 177 13.42 -3.98 9.95
CA LEU A 177 11.97 -3.83 9.98
C LEU A 177 11.37 -4.59 11.16
N ASP A 178 11.95 -5.75 11.48
CA ASP A 178 11.48 -6.53 12.62
C ASP A 178 11.71 -5.78 13.92
N LYS A 179 12.85 -5.13 14.05
CA LYS A 179 13.17 -4.38 15.26
C LYS A 179 12.19 -3.23 15.48
N ILE A 180 11.77 -2.60 14.38
CA ILE A 180 10.80 -1.51 14.47
C ILE A 180 9.45 -2.04 14.93
N THR A 181 9.11 -3.25 14.48
CA THR A 181 7.90 -3.92 14.92
C THR A 181 7.97 -4.17 16.42
N ASP A 182 9.11 -4.67 16.89
CA ASP A 182 9.33 -4.86 18.31
C ASP A 182 9.16 -3.54 19.05
N THR A 183 9.64 -2.47 18.45
CA THR A 183 9.57 -1.14 19.04
C THR A 183 8.13 -0.63 19.14
N LEU A 184 7.35 -0.89 18.09
CA LEU A 184 5.95 -0.51 18.08
C LEU A 184 5.19 -1.23 19.20
N ILE A 185 5.37 -2.55 19.28
CA ILE A 185 4.76 -3.34 20.35
C ILE A 185 5.23 -2.86 21.72
N HIS A 186 6.51 -2.49 21.79
CA HIS A 186 7.08 -1.96 23.02
C HIS A 186 6.31 -0.73 23.50
N LEU A 187 6.05 0.19 22.57
CA LEU A 187 5.33 1.41 22.90
C LEU A 187 3.91 1.12 23.39
N MET A 188 3.24 0.20 22.72
CA MET A 188 1.85 -0.13 23.05
C MET A 188 1.73 -0.77 24.42
N ALA A 189 2.63 -1.71 24.72
CA ALA A 189 2.65 -2.34 26.03
C ALA A 189 2.93 -1.29 27.10
N LYS A 190 3.84 -0.37 26.78
CA LYS A 190 4.20 0.72 27.68
C LYS A 190 3.00 1.61 27.94
N ALA A 191 2.11 1.69 26.95
CA ALA A 191 0.91 2.53 27.06
C ALA A 191 -0.23 1.79 27.76
N GLY A 192 0.02 0.56 28.17
CA GLY A 192 -0.93 -0.19 28.97
C GLY A 192 -1.91 -1.05 28.19
N LEU A 193 -1.69 -1.18 26.89
CA LEU A 193 -2.57 -1.99 26.05
C LEU A 193 -2.44 -3.48 26.35
N THR A 194 -3.56 -4.19 26.28
CA THR A 194 -3.55 -5.64 26.47
C THR A 194 -2.89 -6.31 25.25
N LEU A 195 -2.65 -7.61 25.37
CA LEU A 195 -1.99 -8.36 24.29
C LEU A 195 -2.79 -8.36 23.00
N GLN A 196 -4.11 -8.53 23.10
CA GLN A 196 -4.95 -8.51 21.91
C GLN A 196 -5.01 -7.12 21.30
N GLN A 197 -5.09 -6.11 22.16
CA GLN A 197 -5.13 -4.72 21.70
C GLN A 197 -3.83 -4.36 20.98
N GLN A 198 -2.73 -4.96 21.42
CA GLN A 198 -1.43 -4.70 20.83
C GLN A 198 -1.35 -5.14 19.37
N HIS A 199 -1.69 -6.41 19.10
CA HIS A 199 -1.60 -6.92 17.74
C HIS A 199 -2.68 -6.33 16.84
N GLN A 200 -3.81 -5.97 17.43
CA GLN A 200 -4.88 -5.33 16.67
C GLN A 200 -4.47 -3.94 16.22
N ARG A 201 -3.90 -3.16 17.14
CA ARG A 201 -3.44 -1.81 16.80
C ARG A 201 -2.27 -1.86 15.81
N LEU A 202 -1.42 -2.86 15.96
CA LEU A 202 -0.30 -3.05 15.05
C LEU A 202 -0.82 -3.27 13.62
N ALA A 203 -1.80 -4.15 13.49
CA ALA A 203 -2.42 -4.43 12.20
C ALA A 203 -3.06 -3.18 11.62
N GLN A 204 -3.78 -2.44 12.46
CA GLN A 204 -4.47 -1.23 12.02
C GLN A 204 -3.50 -0.19 11.46
N LEU A 205 -2.41 0.05 12.19
CA LEU A 205 -1.41 1.03 11.77
C LEU A 205 -0.73 0.62 10.46
N LEU A 206 -0.38 -0.66 10.35
CA LEU A 206 0.34 -1.16 9.19
C LEU A 206 -0.53 -1.20 7.94
N LEU A 207 -1.82 -1.44 8.12
CA LEU A 207 -2.75 -1.48 7.00
C LEU A 207 -2.94 -0.10 6.38
N ILE A 208 -2.81 0.95 7.20
CA ILE A 208 -2.91 2.32 6.71
C ILE A 208 -1.78 2.64 5.74
N LEU A 209 -0.66 1.92 5.89
CA LEU A 209 0.49 2.13 5.01
C LEU A 209 0.18 1.75 3.56
N SER A 210 -0.77 0.84 3.37
CA SER A 210 -1.20 0.48 2.02
C SER A 210 -1.91 1.64 1.35
N HIS A 211 -2.67 2.40 2.15
CA HIS A 211 -3.41 3.54 1.62
CA HIS A 211 -3.41 3.55 1.64
C HIS A 211 -2.49 4.72 1.35
N ILE A 212 -1.43 4.85 2.15
CA ILE A 212 -0.44 5.90 1.95
C ILE A 212 0.34 5.62 0.68
N ARG A 213 0.65 4.35 0.46
CA ARG A 213 1.23 3.93 -0.81
C ARG A 213 0.34 4.33 -1.98
N HIS A 214 -0.97 4.07 -1.85
CA HIS A 214 -1.95 4.37 -2.89
C HIS A 214 -1.96 5.86 -3.20
N MET A 215 -1.99 6.66 -2.14
CA MET A 215 -2.04 8.11 -2.29
C MET A 215 -0.77 8.63 -2.96
N SER A 216 0.37 8.06 -2.58
CA SER A 216 1.64 8.43 -3.18
C SER A 216 1.63 8.22 -4.69
N ASN A 217 1.25 7.02 -5.12
CA ASN A 217 1.19 6.72 -6.55
C ASN A 217 0.26 7.64 -7.32
N LYS A 218 -0.87 7.99 -6.69
CA LYS A 218 -1.81 8.91 -7.30
C LYS A 218 -1.26 10.32 -7.38
N GLY A 219 -0.62 10.76 -6.29
CA GLY A 219 0.01 12.07 -6.25
C GLY A 219 1.15 12.17 -7.25
N MET A 220 1.84 11.08 -7.47
CA MET A 220 2.94 11.06 -8.44
C MET A 220 2.45 11.23 -9.87
N GLU A 221 1.27 10.67 -10.15
CA GLU A 221 0.65 10.85 -11.45
C GLU A 221 0.24 12.30 -11.64
N HIS A 222 -0.19 12.94 -10.56
CA HIS A 222 -0.58 14.35 -10.62
CA HIS A 222 -0.57 14.36 -10.60
C HIS A 222 0.66 15.23 -10.80
N LEU A 223 1.72 14.89 -10.07
CA LEU A 223 2.98 15.61 -10.21
C LEU A 223 3.45 15.52 -11.64
N TYR A 224 3.23 14.36 -12.27
CA TYR A 224 3.66 14.17 -13.65
C TYR A 224 2.89 15.07 -14.59
N SER A 225 1.59 15.18 -14.39
CA SER A 225 0.76 16.06 -15.20
C SER A 225 1.23 17.50 -15.08
N MET A 226 1.52 17.92 -13.86
CA MET A 226 2.07 19.24 -13.59
C MET A 226 3.34 19.49 -14.42
N LYS A 227 4.20 18.49 -14.49
CA LYS A 227 5.43 18.60 -15.27
C LYS A 227 5.09 18.82 -16.75
N CYS A 228 4.26 17.95 -17.31
CA CYS A 228 3.94 17.99 -18.73
C CYS A 228 3.09 19.21 -19.11
N LYS A 229 2.42 19.79 -18.13
CA LYS A 229 1.66 21.02 -18.36
C LYS A 229 2.60 22.21 -18.26
N ASN A 230 3.69 22.01 -17.53
CA ASN A 230 4.79 22.96 -17.51
C ASN A 230 4.41 24.40 -17.17
N VAL A 231 3.51 24.56 -16.20
CA VAL A 231 3.16 25.90 -15.74
C VAL A 231 3.80 26.17 -14.38
N VAL A 232 3.65 25.22 -13.47
CA VAL A 232 4.24 25.34 -12.14
C VAL A 232 5.73 25.00 -12.21
N PRO A 233 6.57 25.87 -11.64
CA PRO A 233 8.02 25.64 -11.65
C PRO A 233 8.41 24.46 -10.78
N LEU A 234 9.17 23.52 -11.34
CA LEU A 234 9.63 22.36 -10.58
C LEU A 234 11.15 22.34 -10.50
N SER A 235 11.67 22.19 -9.29
CA SER A 235 13.12 22.13 -9.08
C SER A 235 13.69 20.90 -9.79
N ASP A 236 14.98 20.95 -10.11
CA ASP A 236 15.64 19.83 -10.75
C ASP A 236 15.59 18.58 -9.87
N LEU A 237 15.64 18.78 -8.56
CA LEU A 237 15.57 17.68 -7.61
C LEU A 237 14.21 17.01 -7.65
N LEU A 238 13.16 17.82 -7.59
CA LEU A 238 11.80 17.32 -7.62
C LEU A 238 11.55 16.58 -8.94
N LEU A 239 12.19 17.05 -10.01
CA LEU A 239 12.06 16.45 -11.33
C LEU A 239 12.77 15.09 -11.41
N GLU A 240 13.92 14.99 -10.77
CA GLU A 240 14.67 13.73 -10.76
C GLU A 240 13.97 12.69 -9.91
N MET A 241 13.37 13.14 -8.80
CA MET A 241 12.59 12.26 -7.95
C MET A 241 11.40 11.73 -8.76
N LEU A 242 10.82 12.61 -9.57
CA LEU A 242 9.68 12.25 -10.41
C LEU A 242 10.10 11.26 -11.51
N ASP A 243 11.21 11.55 -12.17
CA ASP A 243 11.72 10.68 -13.23
C ASP A 243 12.00 9.27 -12.73
N ALA A 244 12.47 9.17 -11.49
CA ALA A 244 12.78 7.87 -10.89
C ALA A 244 11.56 6.95 -10.89
N HIS A 245 10.39 7.52 -10.69
CA HIS A 245 9.15 6.76 -10.66
C HIS A 245 8.72 6.31 -12.05
N ARG A 246 9.39 6.82 -13.08
CA ARG A 246 9.07 6.47 -14.46
C ARG A 246 10.22 5.73 -15.12
N HIS B 1 24.06 11.48 -13.33
CA HIS B 1 24.48 11.90 -11.99
C HIS B 1 23.36 12.63 -11.27
N LYS B 2 22.80 11.98 -10.26
CA LYS B 2 21.63 12.51 -9.55
C LYS B 2 22.03 13.42 -8.39
N ILE B 3 21.24 14.48 -8.21
CA ILE B 3 21.43 15.38 -7.07
C ILE B 3 21.37 14.59 -5.77
N LEU B 4 20.51 13.58 -5.74
CA LEU B 4 20.34 12.74 -4.56
C LEU B 4 21.66 12.06 -4.20
N HIS B 5 22.43 11.70 -5.21
CA HIS B 5 23.74 11.09 -5.01
C HIS B 5 24.65 12.03 -4.21
N ARG B 6 24.64 13.30 -4.60
CA ARG B 6 25.48 14.30 -3.97
C ARG B 6 25.02 14.61 -2.55
N LEU B 7 23.72 14.78 -2.38
CA LEU B 7 23.16 15.16 -1.09
C LEU B 7 23.34 14.06 -0.04
N LEU B 8 23.28 12.81 -0.48
CA LEU B 8 23.45 11.68 0.43
C LEU B 8 24.89 11.52 0.89
N GLN B 9 25.81 12.24 0.24
CA GLN B 9 27.22 12.16 0.58
C GLN B 9 27.63 13.23 1.59
N ASP B 10 26.99 14.38 1.51
CA ASP B 10 27.37 15.53 2.33
C ASP B 10 26.63 15.57 3.66
N SER C 3 -24.70 -9.04 13.41
CA SER C 3 -23.84 -9.49 12.32
C SER C 3 -23.74 -11.00 12.29
N LEU C 4 -22.61 -11.51 11.78
CA LEU C 4 -22.38 -12.95 11.70
C LEU C 4 -20.88 -13.26 11.68
N ALA C 5 -20.11 -12.34 11.14
CA ALA C 5 -18.65 -12.50 11.05
C ALA C 5 -17.99 -12.22 12.40
N LEU C 6 -18.71 -11.55 13.28
CA LEU C 6 -18.18 -11.19 14.59
C LEU C 6 -18.35 -12.29 15.64
N SER C 7 -19.12 -13.31 15.30
CA SER C 7 -19.41 -14.39 16.25
C SER C 7 -18.59 -15.62 15.97
N LEU C 8 -17.93 -15.63 14.80
CA LEU C 8 -17.15 -16.79 14.38
C LEU C 8 -15.86 -16.95 15.20
N THR C 9 -15.51 -18.20 15.49
CA THR C 9 -14.23 -18.50 16.11
C THR C 9 -13.16 -18.39 15.04
N ALA C 10 -11.90 -18.29 15.45
CA ALA C 10 -10.80 -18.18 14.50
C ALA C 10 -10.80 -19.35 13.52
N ASP C 11 -11.01 -20.56 14.06
CA ASP C 11 -11.00 -21.77 13.25
C ASP C 11 -12.17 -21.81 12.27
N GLN C 12 -13.33 -21.35 12.71
CA GLN C 12 -14.51 -21.29 11.84
C GLN C 12 -14.28 -20.28 10.72
N MET C 13 -13.63 -19.17 11.06
CA MET C 13 -13.26 -18.15 10.08
C MET C 13 -12.40 -18.76 8.99
N VAL C 14 -11.34 -19.46 9.41
CA VAL C 14 -10.42 -20.09 8.47
C VAL C 14 -11.12 -21.14 7.60
N SER C 15 -11.94 -21.97 8.22
CA SER C 15 -12.73 -22.97 7.50
C SER C 15 -13.57 -22.31 6.41
N ALA C 16 -14.37 -21.33 6.80
CA ALA C 16 -15.22 -20.61 5.85
C ALA C 16 -14.42 -20.09 4.66
N LEU C 17 -13.29 -19.42 4.94
CA LEU C 17 -12.46 -18.85 3.89
C LEU C 17 -11.89 -19.92 2.96
N LEU C 18 -11.44 -21.04 3.54
CA LEU C 18 -10.91 -22.13 2.74
C LEU C 18 -11.99 -22.71 1.82
N ASP C 19 -13.19 -22.86 2.35
CA ASP C 19 -14.30 -23.41 1.58
CA ASP C 19 -14.30 -23.41 1.58
C ASP C 19 -14.72 -22.46 0.47
N ALA C 20 -14.45 -21.17 0.65
CA ALA C 20 -14.85 -20.15 -0.31
C ALA C 20 -13.84 -19.95 -1.43
N GLU C 21 -12.69 -20.61 -1.33
CA GLU C 21 -11.64 -20.48 -2.33
C GLU C 21 -12.16 -20.72 -3.75
N PRO C 22 -11.83 -19.79 -4.66
CA PRO C 22 -12.21 -19.93 -6.08
C PRO C 22 -11.34 -20.98 -6.76
N PRO C 23 -11.78 -21.48 -7.91
CA PRO C 23 -11.02 -22.48 -8.65
C PRO C 23 -9.88 -21.84 -9.43
N ILE C 24 -8.89 -22.64 -9.82
CA ILE C 24 -7.82 -22.17 -10.69
C ILE C 24 -8.18 -22.43 -12.14
N LEU C 25 -8.37 -21.36 -12.89
CA LEU C 25 -8.81 -21.46 -14.29
C LEU C 25 -7.63 -21.61 -15.24
N TYR C 26 -7.91 -22.13 -16.44
CA TYR C 26 -6.91 -22.24 -17.48
C TYR C 26 -6.96 -21.03 -18.40
N SER C 27 -5.84 -20.72 -19.03
CA SER C 27 -5.81 -19.72 -20.08
C SER C 27 -6.08 -20.41 -21.40
N GLU C 28 -6.08 -19.66 -22.49
CA GLU C 28 -6.27 -20.25 -23.81
C GLU C 28 -4.94 -20.39 -24.53
N TYR C 29 -3.86 -20.41 -23.76
CA TYR C 29 -2.52 -20.55 -24.32
C TYR C 29 -2.38 -21.82 -25.17
N ASP C 30 -1.75 -21.66 -26.33
CA ASP C 30 -1.50 -22.78 -27.21
C ASP C 30 -0.06 -22.71 -27.72
N PRO C 31 0.78 -23.66 -27.31
CA PRO C 31 2.20 -23.68 -27.68
C PRO C 31 2.42 -23.84 -29.18
N THR C 32 1.41 -24.35 -29.90
CA THR C 32 1.50 -24.51 -31.34
C THR C 32 1.17 -23.22 -32.07
N ARG C 33 0.40 -22.36 -31.42
CA ARG C 33 0.02 -21.08 -31.99
C ARG C 33 1.08 -20.02 -31.69
N PRO C 34 1.46 -19.25 -32.73
CA PRO C 34 2.39 -18.13 -32.52
C PRO C 34 1.66 -16.95 -31.87
N PHE C 35 2.26 -16.38 -30.83
CA PHE C 35 1.62 -15.27 -30.13
C PHE C 35 2.40 -13.97 -30.30
N SER C 36 1.67 -12.89 -30.55
CA SER C 36 2.25 -11.56 -30.58
C SER C 36 2.07 -10.92 -29.21
N GLU C 37 2.87 -9.90 -28.93
CA GLU C 37 2.80 -9.22 -27.63
C GLU C 37 1.35 -8.97 -27.22
N ALA C 38 0.52 -8.58 -28.18
CA ALA C 38 -0.88 -8.30 -27.93
C ALA C 38 -1.64 -9.55 -27.47
N SER C 39 -1.55 -10.62 -28.25
CA SER C 39 -2.26 -11.86 -27.93
C SER C 39 -1.80 -12.43 -26.59
N MET C 40 -0.51 -12.25 -26.28
CA MET C 40 0.03 -12.71 -25.01
C MET C 40 -0.70 -12.03 -23.86
N MET C 41 -0.85 -10.72 -23.97
CA MET C 41 -1.60 -9.95 -22.98
C MET C 41 -3.08 -10.30 -23.06
N GLY C 42 -3.53 -10.71 -24.24
CA GLY C 42 -4.91 -11.14 -24.44
C GLY C 42 -5.26 -12.32 -23.54
N LEU C 43 -4.33 -13.26 -23.44
CA LEU C 43 -4.51 -14.43 -22.59
C LEU C 43 -4.73 -14.02 -21.14
N LEU C 44 -3.95 -13.04 -20.69
CA LEU C 44 -4.02 -12.59 -19.30
CA LEU C 44 -4.00 -12.57 -19.31
C LEU C 44 -5.29 -11.81 -19.02
N THR C 45 -5.70 -10.95 -19.95
CA THR C 45 -6.93 -10.19 -19.78
C THR C 45 -8.15 -11.09 -19.87
N ASN C 46 -8.11 -12.05 -20.80
CA ASN C 46 -9.19 -13.01 -20.95
C ASN C 46 -9.37 -13.83 -19.68
N LEU C 47 -8.24 -14.29 -19.14
CA LEU C 47 -8.24 -15.07 -17.90
C LEU C 47 -8.80 -14.26 -16.73
N ALA C 48 -8.34 -13.01 -16.60
CA ALA C 48 -8.78 -12.15 -15.52
C ALA C 48 -10.29 -11.95 -15.56
N ASP C 49 -10.84 -11.78 -16.76
CA ASP C 49 -12.27 -11.54 -16.92
C ASP C 49 -13.10 -12.74 -16.43
N ARG C 50 -12.62 -13.95 -16.71
CA ARG C 50 -13.32 -15.15 -16.26
C ARG C 50 -13.14 -15.36 -14.75
N GLU C 51 -11.98 -15.01 -14.24
CA GLU C 51 -11.74 -15.11 -12.79
C GLU C 51 -12.62 -14.16 -12.00
N LEU C 52 -12.89 -12.99 -12.57
CA LEU C 52 -13.69 -11.97 -11.89
C LEU C 52 -15.06 -12.49 -11.46
N VAL C 53 -15.68 -13.32 -12.29
CA VAL C 53 -16.99 -13.88 -11.96
C VAL C 53 -16.88 -14.77 -10.72
N HIS C 54 -15.77 -15.50 -10.62
CA HIS C 54 -15.53 -16.38 -9.47
C HIS C 54 -15.13 -15.59 -8.23
N MET C 55 -14.41 -14.49 -8.44
CA MET C 55 -14.01 -13.63 -7.33
C MET C 55 -15.23 -12.97 -6.71
N ILE C 56 -16.14 -12.50 -7.56
CA ILE C 56 -17.36 -11.84 -7.09
C ILE C 56 -18.17 -12.78 -6.19
N ASN C 57 -18.20 -14.05 -6.55
CA ASN C 57 -18.92 -15.04 -5.76
C ASN C 57 -18.14 -15.49 -4.53
N TRP C 58 -16.81 -15.39 -4.60
CA TRP C 58 -15.96 -15.65 -3.45
C TRP C 58 -16.12 -14.53 -2.42
N ALA C 59 -16.23 -13.30 -2.91
CA ALA C 59 -16.36 -12.13 -2.05
C ALA C 59 -17.61 -12.23 -1.16
N LYS C 60 -18.71 -12.68 -1.75
CA LYS C 60 -19.97 -12.86 -1.01
C LYS C 60 -19.79 -13.80 0.17
N ARG C 61 -18.82 -14.69 0.06
CA ARG C 61 -18.60 -15.72 1.08
C ARG C 61 -17.61 -15.25 2.14
N VAL C 62 -17.03 -14.08 1.95
CA VAL C 62 -16.14 -13.50 2.94
C VAL C 62 -16.97 -12.93 4.10
N PRO C 63 -16.82 -13.51 5.29
CA PRO C 63 -17.59 -13.10 6.47
C PRO C 63 -17.66 -11.59 6.63
N GLY C 64 -18.87 -11.05 6.70
CA GLY C 64 -19.08 -9.63 6.91
C GLY C 64 -19.27 -8.84 5.63
N PHE C 65 -18.90 -9.44 4.50
CA PHE C 65 -18.98 -8.74 3.22
C PHE C 65 -20.42 -8.51 2.76
N VAL C 66 -21.29 -9.48 2.99
CA VAL C 66 -22.67 -9.38 2.57
C VAL C 66 -23.49 -8.47 3.49
N ASP C 67 -22.89 -8.08 4.61
CA ASP C 67 -23.54 -7.15 5.53
C ASP C 67 -23.51 -5.74 4.98
N LEU C 68 -22.66 -5.52 3.98
CA LEU C 68 -22.51 -4.19 3.37
C LEU C 68 -23.56 -3.93 2.29
N THR C 69 -23.81 -2.66 2.03
CA THR C 69 -24.71 -2.25 0.96
C THR C 69 -24.09 -2.63 -0.38
N LEU C 70 -24.93 -2.89 -1.37
CA LEU C 70 -24.46 -3.27 -2.69
C LEU C 70 -23.49 -2.23 -3.27
N HIS C 71 -23.73 -0.97 -2.97
CA HIS C 71 -22.87 0.11 -3.44
C HIS C 71 -21.47 0.02 -2.83
N ASP C 72 -21.39 -0.38 -1.57
CA ASP C 72 -20.10 -0.52 -0.90
C ASP C 72 -19.39 -1.79 -1.35
N GLN C 73 -20.15 -2.86 -1.57
CA GLN C 73 -19.59 -4.09 -2.10
C GLN C 73 -18.95 -3.85 -3.46
N VAL C 74 -19.66 -3.09 -4.29
CA VAL C 74 -19.16 -2.73 -5.62
C VAL C 74 -17.85 -1.97 -5.52
N HIS C 75 -17.82 -0.96 -4.66
CA HIS C 75 -16.63 -0.13 -4.47
C HIS C 75 -15.43 -0.95 -4.04
N LEU C 76 -15.62 -1.82 -3.05
CA LEU C 76 -14.53 -2.64 -2.54
C LEU C 76 -13.91 -3.52 -3.63
N LEU C 77 -14.75 -4.15 -4.44
CA LEU C 77 -14.27 -5.01 -5.51
C LEU C 77 -13.61 -4.21 -6.63
N GLU C 78 -14.15 -3.04 -6.92
CA GLU C 78 -13.57 -2.17 -7.94
C GLU C 78 -12.17 -1.73 -7.53
N CYS C 79 -11.94 -1.62 -6.23
CA CYS C 79 -10.65 -1.18 -5.71
C CYS C 79 -9.65 -2.33 -5.59
N ALA C 80 -10.15 -3.51 -5.26
CA ALA C 80 -9.28 -4.62 -4.85
C ALA C 80 -9.05 -5.71 -5.90
N TRP C 81 -9.86 -5.72 -6.95
CA TRP C 81 -9.86 -6.86 -7.87
C TRP C 81 -8.47 -7.26 -8.39
N LEU C 82 -7.68 -6.30 -8.85
CA LEU C 82 -6.35 -6.62 -9.37
C LEU C 82 -5.38 -7.07 -8.29
N GLU C 83 -5.48 -6.45 -7.11
CA GLU C 83 -4.67 -6.87 -5.97
C GLU C 83 -4.98 -8.32 -5.63
N ILE C 84 -6.27 -8.65 -5.65
CA ILE C 84 -6.72 -10.01 -5.33
C ILE C 84 -6.25 -11.02 -6.36
N LEU C 85 -6.32 -10.67 -7.63
CA LEU C 85 -5.81 -11.54 -8.69
C LEU C 85 -4.31 -11.74 -8.53
N MET C 86 -3.60 -10.66 -8.20
CA MET C 86 -2.15 -10.71 -8.08
C MET C 86 -1.68 -11.58 -6.92
N ILE C 87 -2.29 -11.42 -5.75
CA ILE C 87 -1.89 -12.21 -4.59
C ILE C 87 -2.21 -13.68 -4.82
N GLY C 88 -3.26 -13.94 -5.60
CA GLY C 88 -3.60 -15.31 -5.99
C GLY C 88 -2.52 -15.87 -6.88
N LEU C 89 -2.01 -15.05 -7.78
CA LEU C 89 -0.95 -15.44 -8.70
C LEU C 89 0.34 -15.80 -7.95
N VAL C 90 0.80 -14.89 -7.10
CA VAL C 90 2.05 -15.09 -6.36
C VAL C 90 1.93 -16.28 -5.41
N TRP C 91 0.72 -16.54 -4.92
CA TRP C 91 0.50 -17.67 -4.03
C TRP C 91 0.76 -19.01 -4.74
N ARG C 92 0.16 -19.18 -5.92
CA ARG C 92 0.32 -20.42 -6.68
C ARG C 92 1.65 -20.47 -7.44
N SER C 93 2.41 -19.37 -7.37
CA SER C 93 3.72 -19.32 -8.00
C SER C 93 4.83 -19.63 -7.01
N MET C 94 4.48 -19.71 -5.73
CA MET C 94 5.45 -19.95 -4.67
C MET C 94 6.42 -21.08 -5.00
N GLU C 95 5.89 -22.22 -5.40
CA GLU C 95 6.72 -23.41 -5.65
C GLU C 95 7.35 -23.41 -7.03
N HIS C 96 7.25 -22.28 -7.73
CA HIS C 96 7.85 -22.16 -9.05
C HIS C 96 8.81 -20.98 -9.10
N PRO C 97 9.95 -21.10 -8.42
CA PRO C 97 10.92 -20.01 -8.29
C PRO C 97 11.39 -19.49 -9.65
N GLY C 98 11.40 -18.16 -9.80
CA GLY C 98 11.83 -17.55 -11.05
C GLY C 98 10.75 -17.61 -12.12
N LYS C 99 9.56 -18.01 -11.74
CA LYS C 99 8.45 -18.14 -12.69
C LYS C 99 7.11 -17.77 -12.08
N LEU C 100 6.18 -17.35 -12.94
CA LEU C 100 4.83 -17.05 -12.51
C LEU C 100 3.84 -18.04 -13.13
N LEU C 101 2.99 -18.62 -12.30
CA LEU C 101 2.01 -19.59 -12.76
C LEU C 101 0.66 -18.94 -12.98
N PHE C 102 0.53 -18.22 -14.09
CA PHE C 102 -0.73 -17.55 -14.42
C PHE C 102 -1.86 -18.57 -14.51
N ALA C 103 -1.56 -19.74 -15.04
CA ALA C 103 -2.50 -20.84 -15.11
C ALA C 103 -1.73 -22.15 -15.12
N PRO C 104 -2.41 -23.28 -14.87
CA PRO C 104 -1.75 -24.58 -14.92
C PRO C 104 -1.08 -24.81 -16.28
N ASN C 105 -1.61 -24.17 -17.31
CA ASN C 105 -1.08 -24.32 -18.66
C ASN C 105 -0.38 -23.06 -19.16
N LEU C 106 0.06 -22.21 -18.24
CA LEU C 106 0.74 -20.97 -18.58
C LEU C 106 1.77 -20.58 -17.52
N LEU C 107 2.93 -21.21 -17.57
CA LEU C 107 4.02 -20.92 -16.64
C LEU C 107 5.11 -20.10 -17.33
N LEU C 108 5.38 -18.91 -16.81
CA LEU C 108 6.31 -17.99 -17.48
C LEU C 108 7.41 -17.50 -16.56
N ASP C 109 8.60 -17.32 -17.13
CA ASP C 109 9.68 -16.62 -16.44
C ASP C 109 9.80 -15.21 -16.99
N ARG C 110 10.75 -14.44 -16.43
CA ARG C 110 10.89 -13.03 -16.79
C ARG C 110 11.17 -12.83 -18.28
N ASN C 111 11.95 -13.75 -18.85
CA ASN C 111 12.12 -13.81 -20.29
C ASN C 111 10.80 -14.30 -20.89
N GLN C 112 10.45 -13.82 -22.10
CA GLN C 112 9.11 -14.07 -22.65
C GLN C 112 8.15 -13.09 -21.99
N GLY C 113 8.33 -12.89 -20.69
CA GLY C 113 7.48 -12.01 -19.91
C GLY C 113 7.52 -10.58 -20.40
N MET C 119 6.44 -3.69 -18.37
CA MET C 119 5.77 -4.94 -18.09
C MET C 119 6.70 -5.87 -17.30
N VAL C 120 7.99 -5.83 -17.62
CA VAL C 120 8.97 -6.70 -16.97
C VAL C 120 9.19 -6.28 -15.53
N GLU C 121 9.04 -4.99 -15.25
CA GLU C 121 9.19 -4.48 -13.89
C GLU C 121 8.12 -5.06 -12.98
N ILE C 122 6.86 -5.00 -13.42
CA ILE C 122 5.76 -5.58 -12.68
C ILE C 122 5.98 -7.08 -12.49
N PHE C 123 6.51 -7.72 -13.54
CA PHE C 123 6.80 -9.14 -13.51
C PHE C 123 7.79 -9.46 -12.40
N ASP C 124 8.86 -8.67 -12.31
CA ASP C 124 9.88 -8.86 -11.29
C ASP C 124 9.33 -8.60 -9.88
N MET C 125 8.40 -7.66 -9.76
CA MET C 125 7.80 -7.36 -8.47
C MET C 125 6.92 -8.51 -7.99
N LEU C 126 6.21 -9.14 -8.94
CA LEU C 126 5.40 -10.30 -8.62
C LEU C 126 6.29 -11.47 -8.24
N LEU C 127 7.40 -11.62 -8.97
CA LEU C 127 8.37 -12.66 -8.67
C LEU C 127 8.95 -12.49 -7.27
N ALA C 128 9.30 -11.24 -6.94
CA ALA C 128 9.86 -10.94 -5.64
C ALA C 128 8.85 -11.23 -4.53
N THR C 129 7.59 -10.90 -4.78
CA THR C 129 6.53 -11.13 -3.81
C THR C 129 6.33 -12.61 -3.56
N SER C 130 6.24 -13.39 -4.63
CA SER C 130 6.11 -14.84 -4.52
C SER C 130 7.32 -15.41 -3.79
N SER C 131 8.50 -14.88 -4.10
CA SER C 131 9.73 -15.30 -3.46
C SER C 131 9.68 -15.03 -1.96
N ARG C 132 9.13 -13.89 -1.60
CA ARG C 132 8.97 -13.51 -0.20
C ARG C 132 8.10 -14.52 0.54
N PHE C 133 6.94 -14.82 -0.03
CA PHE C 133 6.01 -15.79 0.56
C PHE C 133 6.68 -17.15 0.77
N ARG C 134 7.46 -17.58 -0.22
CA ARG C 134 8.13 -18.88 -0.15
C ARG C 134 9.09 -18.97 1.03
N MET C 135 9.90 -17.94 1.26
CA MET C 135 10.85 -17.93 2.37
C MET C 135 10.15 -17.90 3.73
N MET C 136 9.01 -17.22 3.79
CA MET C 136 8.23 -17.15 5.02
C MET C 136 7.43 -18.44 5.22
N ASN C 137 7.45 -19.30 4.20
CA ASN C 137 6.63 -20.51 4.20
C ASN C 137 5.17 -20.17 4.49
N LEU C 138 4.64 -19.20 3.76
CA LEU C 138 3.25 -18.77 3.93
C LEU C 138 2.30 -19.96 3.88
N GLN C 139 1.44 -20.07 4.89
CA GLN C 139 0.47 -21.15 4.95
C GLN C 139 -0.83 -20.77 4.25
N GLY C 140 -1.49 -21.77 3.67
CA GLY C 140 -2.74 -21.55 2.96
C GLY C 140 -3.77 -20.83 3.82
N GLU C 141 -3.80 -21.16 5.11
CA GLU C 141 -4.71 -20.52 6.03
C GLU C 141 -4.41 -19.02 6.16
N GLU C 142 -3.12 -18.69 6.17
CA GLU C 142 -2.68 -17.31 6.26
C GLU C 142 -3.03 -16.56 4.98
N PHE C 143 -2.80 -17.21 3.84
CA PHE C 143 -3.08 -16.62 2.54
C PHE C 143 -4.53 -16.16 2.41
N VAL C 144 -5.47 -17.03 2.78
CA VAL C 144 -6.89 -16.70 2.67
C VAL C 144 -7.27 -15.52 3.57
N CYS C 145 -6.62 -15.43 4.73
CA CYS C 145 -6.85 -14.30 5.63
C CYS C 145 -6.34 -13.01 5.00
N LEU C 146 -5.17 -13.08 4.39
CA LEU C 146 -4.58 -11.91 3.73
C LEU C 146 -5.45 -11.42 2.58
N LYS C 147 -6.00 -12.35 1.81
CA LYS C 147 -6.81 -11.99 0.64
C LYS C 147 -8.11 -11.32 1.07
N SER C 148 -8.67 -11.76 2.20
CA SER C 148 -9.88 -11.16 2.74
C SER C 148 -9.60 -9.75 3.25
N ILE C 149 -8.41 -9.55 3.80
CA ILE C 149 -8.00 -8.25 4.29
C ILE C 149 -7.91 -7.24 3.14
N ILE C 150 -7.33 -7.68 2.02
CA ILE C 150 -7.22 -6.82 0.84
C ILE C 150 -8.59 -6.37 0.37
N LEU C 151 -9.52 -7.32 0.28
CA LEU C 151 -10.89 -7.02 -0.15
C LEU C 151 -11.53 -5.95 0.72
N LEU C 152 -11.39 -6.08 2.04
CA LEU C 152 -12.05 -5.19 2.99
C LEU C 152 -11.31 -3.88 3.20
N ASN C 153 -10.00 -3.88 2.95
CA ASN C 153 -9.17 -2.72 3.30
C ASN C 153 -8.86 -1.76 2.15
N SER C 154 -8.71 -2.30 0.95
CA SER C 154 -8.24 -1.51 -0.19
C SER C 154 -9.10 -0.29 -0.51
N GLY C 155 -10.39 -0.38 -0.23
CA GLY C 155 -11.30 0.70 -0.56
C GLY C 155 -11.98 1.33 0.64
N VAL C 156 -11.57 0.93 1.84
CA VAL C 156 -12.22 1.39 3.06
C VAL C 156 -12.05 2.89 3.32
N TYR C 157 -11.02 3.48 2.72
CA TYR C 157 -10.75 4.90 2.94
C TYR C 157 -11.10 5.77 1.74
N THR C 158 -11.69 5.17 0.71
CA THR C 158 -12.12 5.91 -0.47
C THR C 158 -13.62 6.15 -0.46
N SER C 166 -22.79 4.57 5.16
CA SER C 166 -22.54 5.62 6.16
C SER C 166 -21.22 5.37 6.89
N LEU C 167 -21.06 6.03 8.03
CA LEU C 167 -19.86 5.87 8.84
C LEU C 167 -19.92 4.56 9.63
N GLU C 168 -21.13 4.02 9.80
CA GLU C 168 -21.31 2.78 10.52
C GLU C 168 -20.77 1.60 9.73
N GLU C 169 -20.86 1.70 8.40
CA GLU C 169 -20.35 0.66 7.52
C GLU C 169 -18.85 0.44 7.73
N LYS C 170 -18.07 1.54 7.68
CA LYS C 170 -16.63 1.44 7.87
C LYS C 170 -16.27 0.87 9.25
N ASP C 171 -17.01 1.30 10.28
CA ASP C 171 -16.79 0.76 11.61
C ASP C 171 -16.93 -0.76 11.62
N HIS C 172 -18.02 -1.25 11.01
CA HIS C 172 -18.23 -2.69 10.87
C HIS C 172 -17.07 -3.33 10.12
N ILE C 173 -16.64 -2.69 9.04
CA ILE C 173 -15.50 -3.17 8.25
C ILE C 173 -14.26 -3.29 9.12
N HIS C 174 -13.98 -2.26 9.91
CA HIS C 174 -12.82 -2.26 10.79
C HIS C 174 -12.93 -3.35 11.84
N ARG C 175 -14.15 -3.58 12.33
CA ARG C 175 -14.39 -4.65 13.29
C ARG C 175 -14.05 -6.00 12.70
N VAL C 176 -14.50 -6.24 11.47
CA VAL C 176 -14.23 -7.50 10.79
C VAL C 176 -12.73 -7.66 10.52
N LEU C 177 -12.09 -6.57 10.14
CA LEU C 177 -10.65 -6.58 9.91
C LEU C 177 -9.90 -6.97 11.18
N ASP C 178 -10.34 -6.42 12.31
CA ASP C 178 -9.74 -6.76 13.61
C ASP C 178 -9.87 -8.26 13.88
N LYS C 179 -11.01 -8.83 13.47
CA LYS C 179 -11.28 -10.24 13.71
C LYS C 179 -10.35 -11.12 12.89
N ILE C 180 -10.00 -10.67 11.69
CA ILE C 180 -9.10 -11.42 10.83
C ILE C 180 -7.67 -11.37 11.37
N THR C 181 -7.32 -10.25 12.01
CA THR C 181 -6.03 -10.13 12.67
C THR C 181 -5.95 -11.14 13.82
N ASP C 182 -7.04 -11.24 14.58
CA ASP C 182 -7.11 -12.21 15.66
C ASP C 182 -6.98 -13.63 15.11
N THR C 183 -7.51 -13.86 13.92
CA THR C 183 -7.42 -15.16 13.28
C THR C 183 -5.99 -15.46 12.83
N LEU C 184 -5.32 -14.45 12.29
CA LEU C 184 -3.92 -14.59 11.88
C LEU C 184 -3.03 -14.94 13.07
N ILE C 185 -3.14 -14.16 14.13
CA ILE C 185 -2.38 -14.41 15.35
C ILE C 185 -2.68 -15.80 15.91
N HIS C 186 -3.96 -16.18 15.88
CA HIS C 186 -4.38 -17.50 16.33
C HIS C 186 -3.64 -18.59 15.57
N LEU C 187 -3.56 -18.44 14.26
CA LEU C 187 -2.88 -19.41 13.40
C LEU C 187 -1.39 -19.51 13.72
N MET C 188 -0.77 -18.35 13.96
CA MET C 188 0.66 -18.31 14.22
C MET C 188 0.99 -18.90 15.59
N ALA C 189 0.18 -18.59 16.59
CA ALA C 189 0.35 -19.15 17.92
C ALA C 189 0.21 -20.67 17.84
N LYS C 190 -0.71 -21.12 17.00
CA LYS C 190 -0.95 -22.54 16.81
C LYS C 190 0.26 -23.22 16.19
N ALA C 191 1.02 -22.45 15.41
CA ALA C 191 2.18 -22.98 14.71
C ALA C 191 3.46 -22.95 15.55
N GLY C 192 3.32 -22.53 16.81
CA GLY C 192 4.43 -22.61 17.75
C GLY C 192 5.29 -21.36 17.86
N LEU C 193 4.90 -20.29 17.17
CA LEU C 193 5.66 -19.03 17.22
C LEU C 193 5.54 -18.37 18.59
N THR C 194 6.65 -17.87 19.11
CA THR C 194 6.61 -17.04 20.31
C THR C 194 5.82 -15.78 20.00
N LEU C 195 5.42 -15.04 21.04
CA LEU C 195 4.64 -13.82 20.85
C LEU C 195 5.39 -12.82 19.95
N GLN C 196 6.68 -12.68 20.19
CA GLN C 196 7.51 -11.78 19.39
C GLN C 196 7.49 -12.18 17.93
N GLN C 197 7.59 -13.49 17.69
CA GLN C 197 7.59 -14.03 16.33
C GLN C 197 6.23 -13.82 15.66
N GLN C 198 5.16 -13.87 16.46
CA GLN C 198 3.82 -13.65 15.93
C GLN C 198 3.66 -12.21 15.45
N HIS C 199 4.04 -11.27 16.31
CA HIS C 199 3.96 -9.84 15.98
C HIS C 199 4.79 -9.51 14.76
N GLN C 200 5.99 -10.08 14.69
CA GLN C 200 6.90 -9.82 13.58
C GLN C 200 6.36 -10.38 12.26
N ARG C 201 5.84 -11.60 12.31
CA ARG C 201 5.29 -12.24 11.13
C ARG C 201 4.04 -11.51 10.67
N LEU C 202 3.21 -11.08 11.62
CA LEU C 202 2.01 -10.32 11.30
C LEU C 202 2.36 -9.05 10.54
N ALA C 203 3.36 -8.33 11.04
CA ALA C 203 3.81 -7.10 10.39
C ALA C 203 4.39 -7.41 9.01
N GLN C 204 5.19 -8.47 8.93
CA GLN C 204 5.80 -8.87 7.67
C GLN C 204 4.75 -9.10 6.59
N LEU C 205 3.69 -9.81 6.94
CA LEU C 205 2.62 -10.11 6.00
C LEU C 205 1.88 -8.85 5.56
N LEU C 206 1.63 -7.95 6.52
CA LEU C 206 0.88 -6.74 6.23
C LEU C 206 1.67 -5.73 5.39
N LEU C 207 2.99 -5.70 5.57
CA LEU C 207 3.84 -4.82 4.77
C LEU C 207 3.85 -5.25 3.31
N ILE C 208 3.69 -6.56 3.08
CA ILE C 208 3.64 -7.09 1.72
C ILE C 208 2.42 -6.57 0.97
N LEU C 209 1.36 -6.28 1.72
CA LEU C 209 0.14 -5.74 1.14
C LEU C 209 0.34 -4.33 0.59
N SER C 210 1.33 -3.62 1.13
CA SER C 210 1.70 -2.31 0.62
C SER C 210 2.30 -2.46 -0.78
N HIS C 211 3.10 -3.49 -0.96
CA HIS C 211 3.73 -3.76 -2.25
C HIS C 211 2.72 -4.26 -3.26
N ILE C 212 1.77 -5.07 -2.78
CA ILE C 212 0.69 -5.56 -3.63
C ILE C 212 -0.16 -4.40 -4.14
N ARG C 213 -0.44 -3.44 -3.26
CA ARG C 213 -1.15 -2.23 -3.64
C ARG C 213 -0.38 -1.48 -4.73
N HIS C 214 0.93 -1.38 -4.54
CA HIS C 214 1.79 -0.69 -5.50
C HIS C 214 1.74 -1.38 -6.86
N MET C 215 1.84 -2.70 -6.85
CA MET C 215 1.79 -3.48 -8.09
C MET C 215 0.46 -3.32 -8.80
N SER C 216 -0.62 -3.30 -8.02
CA SER C 216 -1.96 -3.07 -8.58
C SER C 216 -2.05 -1.69 -9.23
N ASN C 217 -1.56 -0.67 -8.52
CA ASN C 217 -1.57 0.69 -9.04
C ASN C 217 -0.88 0.77 -10.41
N LYS C 218 0.28 0.13 -10.51
CA LYS C 218 1.04 0.15 -11.76
C LYS C 218 0.33 -0.64 -12.86
N GLY C 219 -0.29 -1.75 -12.47
CA GLY C 219 -1.04 -2.57 -13.40
C GLY C 219 -2.23 -1.83 -13.98
N MET C 220 -2.93 -1.08 -13.13
CA MET C 220 -4.07 -0.30 -13.56
C MET C 220 -3.68 0.72 -14.62
N GLU C 221 -2.47 1.25 -14.51
CA GLU C 221 -1.96 2.22 -15.49
C GLU C 221 -1.69 1.54 -16.82
N HIS C 222 -1.07 0.35 -16.76
CA HIS C 222 -0.82 -0.41 -17.98
C HIS C 222 -2.12 -0.84 -18.63
N LEU C 223 -3.12 -1.16 -17.82
CA LEU C 223 -4.43 -1.54 -18.34
C LEU C 223 -5.03 -0.38 -19.12
N TYR C 224 -4.91 0.82 -18.56
CA TYR C 224 -5.40 2.03 -19.22
C TYR C 224 -4.69 2.22 -20.55
N SER C 225 -3.39 1.99 -20.56
CA SER C 225 -2.59 2.09 -21.78
C SER C 225 -3.12 1.13 -22.84
N MET C 226 -3.38 -0.11 -22.42
CA MET C 226 -3.89 -1.14 -23.33
C MET C 226 -5.23 -0.72 -23.95
N LYS C 227 -6.06 -0.07 -23.16
CA LYS C 227 -7.33 0.44 -23.63
C LYS C 227 -7.12 1.43 -24.78
N CYS C 228 -6.24 2.40 -24.54
CA CYS C 228 -6.00 3.46 -25.51
C CYS C 228 -5.37 2.96 -26.80
N LYS C 229 -4.54 1.93 -26.71
CA LYS C 229 -3.90 1.36 -27.90
C LYS C 229 -4.89 0.53 -28.72
N ASN C 230 -5.93 0.05 -28.04
CA ASN C 230 -7.02 -0.66 -28.71
C ASN C 230 -6.58 -1.82 -29.60
N VAL C 231 -5.69 -2.65 -29.08
CA VAL C 231 -5.29 -3.86 -29.78
C VAL C 231 -5.56 -5.11 -28.94
N VAL C 232 -5.29 -5.01 -27.64
CA VAL C 232 -5.61 -6.09 -26.72
C VAL C 232 -7.07 -6.01 -26.32
N PRO C 233 -7.83 -7.09 -26.59
CA PRO C 233 -9.26 -7.12 -26.28
C PRO C 233 -9.52 -7.04 -24.78
N LEU C 234 -10.39 -6.12 -24.38
CA LEU C 234 -10.76 -5.96 -22.98
C LEU C 234 -12.26 -6.14 -22.80
N SER C 235 -12.65 -7.05 -21.92
CA SER C 235 -14.05 -7.33 -21.67
C SER C 235 -14.78 -6.09 -21.17
N ASP C 236 -16.11 -6.08 -21.33
CA ASP C 236 -16.92 -4.97 -20.85
C ASP C 236 -16.74 -4.76 -19.35
N LEU C 237 -16.65 -5.87 -18.61
CA LEU C 237 -16.45 -5.81 -17.17
C LEU C 237 -15.10 -5.18 -16.84
N LEU C 238 -14.06 -5.62 -17.53
CA LEU C 238 -12.71 -5.09 -17.32
C LEU C 238 -12.68 -3.59 -17.59
N LEU C 239 -13.34 -3.18 -18.67
CA LEU C 239 -13.40 -1.76 -19.02
C LEU C 239 -14.15 -0.94 -17.97
N GLU C 240 -15.22 -1.51 -17.42
CA GLU C 240 -15.97 -0.84 -16.35
C GLU C 240 -15.16 -0.76 -15.06
N MET C 241 -14.36 -1.80 -14.80
CA MET C 241 -13.49 -1.80 -13.64
C MET C 241 -12.45 -0.70 -13.75
N LEU C 242 -11.84 -0.58 -14.93
CA LEU C 242 -10.87 0.46 -15.19
C LEU C 242 -11.50 1.86 -15.05
N ASP C 243 -12.70 2.03 -15.60
CA ASP C 243 -13.40 3.31 -15.53
C ASP C 243 -13.61 3.79 -14.09
N ALA C 244 -14.01 2.87 -13.22
CA ALA C 244 -14.23 3.19 -11.82
C ALA C 244 -12.93 3.69 -11.19
N HIS C 245 -11.82 3.04 -11.55
CA HIS C 245 -10.51 3.36 -10.98
C HIS C 245 -10.10 4.80 -11.27
N ARG C 246 -10.53 5.32 -12.42
CA ARG C 246 -10.21 6.71 -12.77
C ARG C 246 -11.48 7.50 -13.05
N LYS D 2 -24.38 -1.18 -13.47
CA LYS D 2 -23.30 -1.75 -14.27
C LYS D 2 -23.11 -3.23 -13.95
N ILE D 3 -22.28 -3.90 -14.75
CA ILE D 3 -22.06 -5.35 -14.64
C ILE D 3 -21.78 -5.79 -13.21
N LEU D 4 -20.73 -5.26 -12.61
CA LEU D 4 -20.33 -5.64 -11.26
C LEU D 4 -21.51 -5.59 -10.30
N HIS D 5 -22.36 -4.58 -10.48
CA HIS D 5 -23.48 -4.36 -9.57
C HIS D 5 -24.49 -5.51 -9.62
N ARG D 6 -24.91 -5.88 -10.83
CA ARG D 6 -25.93 -6.91 -10.99
C ARG D 6 -25.39 -8.31 -10.72
N LEU D 7 -24.12 -8.54 -11.02
CA LEU D 7 -23.49 -9.82 -10.71
C LEU D 7 -23.49 -10.03 -9.20
N LEU D 8 -23.29 -8.95 -8.45
CA LEU D 8 -23.34 -9.00 -7.01
C LEU D 8 -24.77 -9.11 -6.50
N GLN D 9 -25.72 -8.63 -7.30
CA GLN D 9 -27.11 -8.58 -6.88
C GLN D 9 -27.80 -9.93 -6.98
N ASP D 10 -27.45 -10.68 -8.02
CA ASP D 10 -28.00 -12.02 -8.18
C ASP D 10 -27.16 -13.06 -7.44
#